data_1D78
# 
_entry.id   1D78 
# 
_audit_conform.dict_name       mmcif_pdbx.dic 
_audit_conform.dict_version    5.367 
_audit_conform.dict_location   http://mmcif.pdb.org/dictionaries/ascii/mmcif_pdbx.dic 
# 
loop_
_database_2.database_id 
_database_2.database_code 
_database_2.pdbx_database_accession 
_database_2.pdbx_DOI 
PDB   1D78         pdb_00001d78 10.2210/pdb1d78/pdb 
RCSB  ADH038       ?            ?                   
WWPDB D_1000172676 ?            ?                   
# 
_pdbx_database_status.status_code                     REL 
_pdbx_database_status.entry_id                        1D78 
_pdbx_database_status.recvd_initial_deposition_date   1992-06-12 
_pdbx_database_status.deposit_site                    BNL 
_pdbx_database_status.process_site                    NDB 
_pdbx_database_status.status_code_sf                  REL 
_pdbx_database_status.status_code_mr                  ? 
_pdbx_database_status.SG_entry                        ? 
_pdbx_database_status.pdb_format_compatible           Y 
_pdbx_database_status.status_code_cs                  ? 
_pdbx_database_status.status_code_nmr_data            ? 
_pdbx_database_status.methods_development_category    ? 
# 
loop_
_audit_author.name 
_audit_author.pdbx_ordinal 
_audit_author.identifier_ORCID 
'Thota, N.'         1 ? 
'Li, X.H.'          2 ? 
'Bingman, C.A.'     3 ? 
'Sundaralingam, M.' 4 ? 
# 
loop_
_citation.id 
_citation.title 
_citation.journal_abbrev 
_citation.journal_volume 
_citation.page_first 
_citation.page_last 
_citation.year 
_citation.journal_id_ASTM 
_citation.country 
_citation.journal_id_ISSN 
_citation.journal_id_CSD 
_citation.book_publisher 
_citation.pdbx_database_id_PubMed 
_citation.pdbx_database_id_DOI 
primary 'High-resolution refinement of the hexagonal A-DNA octamer d(GTGTACAC) at 1.4 A.' 'Acta Crystallogr.,Sect.D' 49 282  291  
1993 ABCRE6 DK 0907-4449 0766 ? 15299533 10.1107/S0907444992007522 
1       
;Hexagonal Crystal Structure of the A-DNA Octamer d(GTGTACAC) and Its Comparison with the Tetragonal Structure: Correlated Variations in Helical Parameters
;
Biochemistry               30 3567 3576 1991 BICHAW US 0006-2960 0033 ? ?        ?                         
# 
loop_
_citation_author.citation_id 
_citation_author.name 
_citation_author.ordinal 
_citation_author.identifier_ORCID 
primary 'Thota, N.'         1 ? 
primary 'Li, X.H.'          2 ? 
primary 'Bingman, C.A.'     3 ? 
primary 'Sundaralingam, M.' 4 ? 
1       'Jain, S.'          5 ? 
1       'Zon, G.'           6 ? 
1       'Sundaralingam, M.' 7 ? 
# 
_cell.entry_id           1D78 
_cell.length_a           32.182 
_cell.length_b           32.182 
_cell.length_c           78.511 
_cell.angle_alpha        90.00 
_cell.angle_beta         90.00 
_cell.angle_gamma        120.00 
_cell.Z_PDB              12 
_cell.pdbx_unique_axis   ? 
# 
_symmetry.entry_id                         1D78 
_symmetry.space_group_name_H-M             'P 61 2 2' 
_symmetry.pdbx_full_space_group_name_H-M   ? 
_symmetry.cell_setting                     ? 
_symmetry.Int_Tables_number                178 
# 
loop_
_entity.id 
_entity.type 
_entity.src_method 
_entity.pdbx_description 
_entity.formula_weight 
_entity.pdbx_number_of_molecules 
_entity.pdbx_ec 
_entity.pdbx_mutation 
_entity.pdbx_fragment 
_entity.details 
1 polymer syn 
;DNA (5'-D(*GP*TP*GP*TP*AP*CP*AP*C)-3')
;
2426.617 1  ? ? ? ? 
2 water   nat water                                    18.015   37 ? ? ? ? 
# 
_entity_poly.entity_id                      1 
_entity_poly.type                           polydeoxyribonucleotide 
_entity_poly.nstd_linkage                   no 
_entity_poly.nstd_monomer                   no 
_entity_poly.pdbx_seq_one_letter_code       '(DG)(DT)(DG)(DT)(DA)(DC)(DA)(DC)' 
_entity_poly.pdbx_seq_one_letter_code_can   GTGTACAC 
_entity_poly.pdbx_strand_id                 A 
_entity_poly.pdbx_target_identifier         ? 
# 
loop_
_entity_poly_seq.entity_id 
_entity_poly_seq.num 
_entity_poly_seq.mon_id 
_entity_poly_seq.hetero 
1 1 DG n 
1 2 DT n 
1 3 DG n 
1 4 DT n 
1 5 DA n 
1 6 DC n 
1 7 DA n 
1 8 DC n 
# 
_struct_ref.id                         1 
_struct_ref.entity_id                  1 
_struct_ref.db_name                    PDB 
_struct_ref.db_code                    1D78 
_struct_ref.pdbx_db_accession          1D78 
_struct_ref.pdbx_db_isoform            ? 
_struct_ref.pdbx_seq_one_letter_code   ? 
_struct_ref.pdbx_align_begin           ? 
# 
_struct_ref_seq.align_id                      1 
_struct_ref_seq.ref_id                        1 
_struct_ref_seq.pdbx_PDB_id_code              1D78 
_struct_ref_seq.pdbx_strand_id                A 
_struct_ref_seq.seq_align_beg                 1 
_struct_ref_seq.pdbx_seq_align_beg_ins_code   ? 
_struct_ref_seq.seq_align_end                 8 
_struct_ref_seq.pdbx_seq_align_end_ins_code   ? 
_struct_ref_seq.pdbx_db_accession             1D78 
_struct_ref_seq.db_align_beg                  1 
_struct_ref_seq.pdbx_db_align_beg_ins_code    ? 
_struct_ref_seq.db_align_end                  8 
_struct_ref_seq.pdbx_db_align_end_ins_code    ? 
_struct_ref_seq.pdbx_auth_seq_align_beg       1 
_struct_ref_seq.pdbx_auth_seq_align_end       8 
# 
loop_
_chem_comp.id 
_chem_comp.type 
_chem_comp.mon_nstd_flag 
_chem_comp.name 
_chem_comp.pdbx_synonyms 
_chem_comp.formula 
_chem_comp.formula_weight 
DA  'DNA linking' y "2'-DEOXYADENOSINE-5'-MONOPHOSPHATE" ? 'C10 H14 N5 O6 P' 331.222 
DC  'DNA linking' y "2'-DEOXYCYTIDINE-5'-MONOPHOSPHATE"  ? 'C9 H14 N3 O7 P'  307.197 
DG  'DNA linking' y "2'-DEOXYGUANOSINE-5'-MONOPHOSPHATE" ? 'C10 H14 N5 O7 P' 347.221 
DT  'DNA linking' y "THYMIDINE-5'-MONOPHOSPHATE"         ? 'C10 H15 N2 O8 P' 322.208 
HOH non-polymer   . WATER                                ? 'H2 O'            18.015  
# 
_exptl.entry_id          1D78 
_exptl.method            'X-RAY DIFFRACTION' 
_exptl.crystals_number   ? 
# 
_exptl_crystal.id                    1 
_exptl_crystal.density_meas          ? 
_exptl_crystal.density_Matthews      2.42 
_exptl_crystal.density_percent_sol   49.14 
_exptl_crystal.description           ? 
# 
_exptl_crystal_grow.crystal_id      1 
_exptl_crystal_grow.method          'VAPOR DIFFUSION' 
_exptl_crystal_grow.temp            283.00 
_exptl_crystal_grow.temp_details    ? 
_exptl_crystal_grow.pH              ? 
_exptl_crystal_grow.pdbx_details    'VAPOR DIFFUSION, temperature 283.00K' 
_exptl_crystal_grow.pdbx_pH_range   ? 
# 
loop_
_exptl_crystal_grow_comp.crystal_id 
_exptl_crystal_grow_comp.id 
_exptl_crystal_grow_comp.sol_id 
_exptl_crystal_grow_comp.name 
_exptl_crystal_grow_comp.volume 
_exptl_crystal_grow_comp.conc 
_exptl_crystal_grow_comp.details 
1 1 1 WATER    ? ? ? 
1 2 1 MPD      ? ? ? 
1 3 1 MGCL2    ? ? ? 
1 4 1 SPERMINE ? ? ? 
1 5 2 WATER    ? ? ? 
1 6 2 MPD      ? ? ? 
1 7 2 MGCL2    ? ? ? 
# 
_diffrn.id                     1 
_diffrn.ambient_temp           258.00 
_diffrn.ambient_temp_details   ? 
_diffrn.crystal_id             1 
# 
_diffrn_detector.diffrn_id              1 
_diffrn_detector.detector               'AREA DETECTOR' 
_diffrn_detector.type                   XENTRONICS 
_diffrn_detector.pdbx_collection_date   ? 
_diffrn_detector.details                ? 
# 
_diffrn_radiation.diffrn_id                        1 
_diffrn_radiation.wavelength_id                    1 
_diffrn_radiation.pdbx_monochromatic_or_laue_m_l   ? 
_diffrn_radiation.monochromator                    ? 
_diffrn_radiation.pdbx_diffrn_protocol             ? 
_diffrn_radiation.pdbx_scattering_type             x-ray 
# 
_diffrn_radiation_wavelength.id           1 
_diffrn_radiation_wavelength.wavelength   . 
_diffrn_radiation_wavelength.wt           1.0 
# 
_diffrn_source.diffrn_id                   1 
_diffrn_source.source                      ? 
_diffrn_source.type                        ? 
_diffrn_source.pdbx_synchrotron_site       ? 
_diffrn_source.pdbx_synchrotron_beamline   ? 
_diffrn_source.pdbx_wavelength             ? 
_diffrn_source.pdbx_wavelength_list        ? 
# 
_reflns.entry_id                     1D78 
_reflns.observed_criterion_sigma_I   2.000 
_reflns.observed_criterion_sigma_F   ? 
_reflns.d_resolution_low             5.000 
_reflns.d_resolution_high            1.400 
_reflns.number_obs                   4365 
_reflns.number_all                   7730 
_reflns.percent_possible_obs         ? 
_reflns.pdbx_Rmerge_I_obs            ? 
_reflns.pdbx_Rsym_value              ? 
_reflns.pdbx_netI_over_sigmaI        ? 
_reflns.B_iso_Wilson_estimate        ? 
_reflns.pdbx_redundancy              ? 
_reflns.pdbx_diffrn_id               1 
_reflns.pdbx_ordinal                 1 
_reflns.pdbx_CC_half                 ? 
_reflns.pdbx_CC_star                 ? 
_reflns.pdbx_Rpim_I_all              ? 
_reflns.pdbx_Rrim_I_all              ? 
# 
_refine.entry_id                                 1D78 
_refine.ls_number_reflns_obs                     4365 
_refine.ls_number_reflns_all                     ? 
_refine.pdbx_ls_sigma_I                          ? 
_refine.pdbx_ls_sigma_F                          2.000 
_refine.pdbx_data_cutoff_high_absF               ? 
_refine.pdbx_data_cutoff_low_absF                ? 
_refine.pdbx_data_cutoff_high_rms_absF           ? 
_refine.ls_d_res_low                             5.000 
_refine.ls_d_res_high                            1.400 
_refine.ls_percent_reflns_obs                    ? 
_refine.ls_R_factor_obs                          0.1980000 
_refine.ls_R_factor_all                          ? 
_refine.ls_R_factor_R_work                       ? 
_refine.ls_R_factor_R_free                       ? 
_refine.ls_R_factor_R_free_error                 ? 
_refine.ls_R_factor_R_free_error_details         ? 
_refine.ls_percent_reflns_R_free                 ? 
_refine.ls_number_reflns_R_free                  ? 
_refine.ls_number_parameters                     ? 
_refine.ls_number_restraints                     ? 
_refine.occupancy_min                            ? 
_refine.occupancy_max                            ? 
_refine.B_iso_mean                               ? 
_refine.aniso_B[1][1]                            ? 
_refine.aniso_B[2][2]                            ? 
_refine.aniso_B[3][3]                            ? 
_refine.aniso_B[1][2]                            ? 
_refine.aniso_B[1][3]                            ? 
_refine.aniso_B[2][3]                            ? 
_refine.solvent_model_details                    ? 
_refine.solvent_model_param_ksol                 ? 
_refine.solvent_model_param_bsol                 ? 
_refine.pdbx_ls_cross_valid_method               ? 
_refine.details                                  ? 
_refine.pdbx_starting_model                      ? 
_refine.pdbx_method_to_determine_struct          ? 
_refine.pdbx_isotropic_thermal_model             ? 
_refine.pdbx_stereochemistry_target_values       ? 
_refine.pdbx_stereochem_target_val_spec_case     ? 
_refine.pdbx_R_Free_selection_details            ? 
_refine.pdbx_overall_ESU_R                       ? 
_refine.pdbx_overall_ESU_R_Free                  ? 
_refine.overall_SU_ML                            ? 
_refine.overall_SU_B                             ? 
_refine.pdbx_refine_id                           'X-RAY DIFFRACTION' 
_refine.pdbx_diffrn_id                           1 
_refine.pdbx_TLS_residual_ADP_flag               ? 
_refine.correlation_coeff_Fo_to_Fc               ? 
_refine.correlation_coeff_Fo_to_Fc_free          ? 
_refine.pdbx_solvent_vdw_probe_radii             ? 
_refine.pdbx_solvent_ion_probe_radii             ? 
_refine.pdbx_solvent_shrinkage_radii             ? 
_refine.pdbx_overall_phase_error                 ? 
_refine.overall_SU_R_Cruickshank_DPI             ? 
_refine.pdbx_overall_SU_R_free_Cruickshank_DPI   ? 
_refine.pdbx_overall_SU_R_Blow_DPI               ? 
_refine.pdbx_overall_SU_R_free_Blow_DPI          ? 
# 
_refine_hist.pdbx_refine_id                   'X-RAY DIFFRACTION' 
_refine_hist.cycle_id                         LAST 
_refine_hist.pdbx_number_atoms_protein        0 
_refine_hist.pdbx_number_atoms_nucleic_acid   161 
_refine_hist.pdbx_number_atoms_ligand         0 
_refine_hist.number_atoms_solvent             37 
_refine_hist.number_atoms_total               198 
_refine_hist.d_res_high                       1.400 
_refine_hist.d_res_low                        5.000 
# 
_struct.entry_id                  1D78 
_struct.title                     
'HIGH RESOLUTION REFINEMENT OF THE HEXAGONAL A-DNA OCTAMER D(GTGTACAC) AT 1.4 ANGSTROMS RESOLUTION' 
_struct.pdbx_model_details        ? 
_struct.pdbx_CASP_flag            ? 
_struct.pdbx_model_type_details   ? 
# 
_struct_keywords.entry_id        1D78 
_struct_keywords.pdbx_keywords   DNA 
_struct_keywords.text            'A-DNA, DOUBLE HELIX, DNA' 
# 
loop_
_struct_asym.id 
_struct_asym.pdbx_blank_PDB_chainid_flag 
_struct_asym.pdbx_modified 
_struct_asym.entity_id 
_struct_asym.details 
A N N 1 ? 
B N N 2 ? 
# 
loop_
_struct_conn.id 
_struct_conn.conn_type_id 
_struct_conn.pdbx_leaving_atom_flag 
_struct_conn.pdbx_PDB_id 
_struct_conn.ptnr1_label_asym_id 
_struct_conn.ptnr1_label_comp_id 
_struct_conn.ptnr1_label_seq_id 
_struct_conn.ptnr1_label_atom_id 
_struct_conn.pdbx_ptnr1_label_alt_id 
_struct_conn.pdbx_ptnr1_PDB_ins_code 
_struct_conn.pdbx_ptnr1_standard_comp_id 
_struct_conn.ptnr1_symmetry 
_struct_conn.ptnr2_label_asym_id 
_struct_conn.ptnr2_label_comp_id 
_struct_conn.ptnr2_label_seq_id 
_struct_conn.ptnr2_label_atom_id 
_struct_conn.pdbx_ptnr2_label_alt_id 
_struct_conn.pdbx_ptnr2_PDB_ins_code 
_struct_conn.ptnr1_auth_asym_id 
_struct_conn.ptnr1_auth_comp_id 
_struct_conn.ptnr1_auth_seq_id 
_struct_conn.ptnr2_auth_asym_id 
_struct_conn.ptnr2_auth_comp_id 
_struct_conn.ptnr2_auth_seq_id 
_struct_conn.ptnr2_symmetry 
_struct_conn.pdbx_ptnr3_label_atom_id 
_struct_conn.pdbx_ptnr3_label_seq_id 
_struct_conn.pdbx_ptnr3_label_comp_id 
_struct_conn.pdbx_ptnr3_label_asym_id 
_struct_conn.pdbx_ptnr3_label_alt_id 
_struct_conn.pdbx_ptnr3_PDB_ins_code 
_struct_conn.details 
_struct_conn.pdbx_dist_value 
_struct_conn.pdbx_value_order 
_struct_conn.pdbx_role 
hydrog1  hydrog ? ? A DG 1 N1 ? ? ? 1_555 A DC 8 N3 ? ? A DG 1 A DC 8 12_555 ? ? ? ? ? ? WATSON-CRICK ? ? ? 
hydrog2  hydrog ? ? A DG 1 N2 ? ? ? 1_555 A DC 8 O2 ? ? A DG 1 A DC 8 12_555 ? ? ? ? ? ? WATSON-CRICK ? ? ? 
hydrog3  hydrog ? ? A DG 1 O6 ? ? ? 1_555 A DC 8 N4 ? ? A DG 1 A DC 8 12_555 ? ? ? ? ? ? WATSON-CRICK ? ? ? 
hydrog4  hydrog ? ? A DT 2 N3 ? ? ? 1_555 A DA 7 N1 ? ? A DT 2 A DA 7 12_555 ? ? ? ? ? ? WATSON-CRICK ? ? ? 
hydrog5  hydrog ? ? A DT 2 O4 ? ? ? 1_555 A DA 7 N6 ? ? A DT 2 A DA 7 12_555 ? ? ? ? ? ? WATSON-CRICK ? ? ? 
hydrog6  hydrog ? ? A DG 3 N1 ? ? ? 1_555 A DC 6 N3 ? ? A DG 3 A DC 6 12_555 ? ? ? ? ? ? WATSON-CRICK ? ? ? 
hydrog7  hydrog ? ? A DG 3 N2 ? ? ? 1_555 A DC 6 O2 ? ? A DG 3 A DC 6 12_555 ? ? ? ? ? ? WATSON-CRICK ? ? ? 
hydrog8  hydrog ? ? A DG 3 O6 ? ? ? 1_555 A DC 6 N4 ? ? A DG 3 A DC 6 12_555 ? ? ? ? ? ? WATSON-CRICK ? ? ? 
hydrog9  hydrog ? ? A DT 4 N3 ? ? ? 1_555 A DA 5 N1 ? ? A DT 4 A DA 5 12_555 ? ? ? ? ? ? WATSON-CRICK ? ? ? 
hydrog10 hydrog ? ? A DT 4 O4 ? ? ? 1_555 A DA 5 N6 ? ? A DT 4 A DA 5 12_555 ? ? ? ? ? ? WATSON-CRICK ? ? ? 
hydrog11 hydrog ? ? A DA 5 N1 ? ? ? 1_555 A DT 4 N3 ? ? A DA 5 A DT 4 12_555 ? ? ? ? ? ? WATSON-CRICK ? ? ? 
hydrog12 hydrog ? ? A DA 5 N6 ? ? ? 1_555 A DT 4 O4 ? ? A DA 5 A DT 4 12_555 ? ? ? ? ? ? WATSON-CRICK ? ? ? 
hydrog13 hydrog ? ? A DC 6 N3 ? ? ? 1_555 A DG 3 N1 ? ? A DC 6 A DG 3 12_555 ? ? ? ? ? ? WATSON-CRICK ? ? ? 
hydrog14 hydrog ? ? A DC 6 N4 ? ? ? 1_555 A DG 3 O6 ? ? A DC 6 A DG 3 12_555 ? ? ? ? ? ? WATSON-CRICK ? ? ? 
hydrog15 hydrog ? ? A DC 6 O2 ? ? ? 1_555 A DG 3 N2 ? ? A DC 6 A DG 3 12_555 ? ? ? ? ? ? WATSON-CRICK ? ? ? 
hydrog16 hydrog ? ? A DA 7 N1 ? ? ? 1_555 A DT 2 N3 ? ? A DA 7 A DT 2 12_555 ? ? ? ? ? ? WATSON-CRICK ? ? ? 
hydrog17 hydrog ? ? A DA 7 N6 ? ? ? 1_555 A DT 2 O4 ? ? A DA 7 A DT 2 12_555 ? ? ? ? ? ? WATSON-CRICK ? ? ? 
hydrog18 hydrog ? ? A DC 8 N3 ? ? ? 1_555 A DG 1 N1 ? ? A DC 8 A DG 1 12_555 ? ? ? ? ? ? WATSON-CRICK ? ? ? 
hydrog19 hydrog ? ? A DC 8 N4 ? ? ? 1_555 A DG 1 O6 ? ? A DC 8 A DG 1 12_555 ? ? ? ? ? ? WATSON-CRICK ? ? ? 
hydrog20 hydrog ? ? A DC 8 O2 ? ? ? 1_555 A DG 1 N2 ? ? A DC 8 A DG 1 12_555 ? ? ? ? ? ? WATSON-CRICK ? ? ? 
# 
_struct_conn_type.id          hydrog 
_struct_conn_type.criteria    ? 
_struct_conn_type.reference   ? 
# 
_atom_sites.entry_id                    1D78 
_atom_sites.fract_transf_matrix[1][1]   -0.03549908 
_atom_sites.fract_transf_matrix[1][2]   0.00214786 
_atom_sites.fract_transf_matrix[1][3]   -0.00475152 
_atom_sites.fract_transf_matrix[2][1]   -0.01800935 
_atom_sites.fract_transf_matrix[2][2]   0.02861297 
_atom_sites.fract_transf_matrix[2][3]   0.01201398 
_atom_sites.fract_transf_matrix[3][1]   0.00184800 
_atom_sites.fract_transf_matrix[3][2]   0.00584992 
_atom_sites.fract_transf_matrix[3][3]   -0.01116219 
_atom_sites.fract_transf_vector[1]      0.853975 
_atom_sites.fract_transf_vector[2]      0.359532 
_atom_sites.fract_transf_vector[3]      0.075341 
# 
loop_
_atom_type.symbol 
C 
N 
O 
P 
# 
loop_
_atom_site.group_PDB 
_atom_site.id 
_atom_site.type_symbol 
_atom_site.label_atom_id 
_atom_site.label_alt_id 
_atom_site.label_comp_id 
_atom_site.label_asym_id 
_atom_site.label_entity_id 
_atom_site.label_seq_id 
_atom_site.pdbx_PDB_ins_code 
_atom_site.Cartn_x 
_atom_site.Cartn_y 
_atom_site.Cartn_z 
_atom_site.occupancy 
_atom_site.B_iso_or_equiv 
_atom_site.pdbx_formal_charge 
_atom_site.auth_seq_id 
_atom_site.auth_comp_id 
_atom_site.auth_asym_id 
_atom_site.auth_atom_id 
_atom_site.pdbx_PDB_model_num 
ATOM   1   O "O5'" . DG  A 1 1 ? 8.883  5.259  7.312   1.00 23.81 ? 1  DG  A "O5'" 1 
ATOM   2   C "C5'" . DG  A 1 1 ? 10.071 4.804  7.996   1.00 18.00 ? 1  DG  A "C5'" 1 
ATOM   3   C "C4'" . DG  A 1 1 ? 9.628  3.956  9.154   1.00 15.58 ? 1  DG  A "C4'" 1 
ATOM   4   O "O4'" . DG  A 1 1 ? 8.944  4.764  10.100  1.00 17.40 ? 1  DG  A "O4'" 1 
ATOM   5   C "C3'" . DG  A 1 1 ? 8.669  2.817  8.837   1.00 16.75 ? 1  DG  A "C3'" 1 
ATOM   6   O "O3'" . DG  A 1 1 ? 9.409  1.650  8.465   1.00 17.10 ? 1  DG  A "O3'" 1 
ATOM   7   C "C2'" . DG  A 1 1 ? 7.941  2.602  10.163  1.00 14.11 ? 1  DG  A "C2'" 1 
ATOM   8   C "C1'" . DG  A 1 1 ? 7.844  4.024  10.669  1.00 15.25 ? 1  DG  A "C1'" 1 
ATOM   9   N N9    . DG  A 1 1 ? 6.612  4.700  10.200  1.00 14.20 ? 1  DG  A N9    1 
ATOM   10  C C8    . DG  A 1 1 ? 6.547  5.843  9.453   1.00 18.50 ? 1  DG  A C8    1 
ATOM   11  N N7    . DG  A 1 1 ? 5.323  6.278  9.264   1.00 16.81 ? 1  DG  A N7    1 
ATOM   12  C C5    . DG  A 1 1 ? 4.545  5.328  9.927   1.00 13.34 ? 1  DG  A C5    1 
ATOM   13  C C6    . DG  A 1 1 ? 3.135  5.231  10.108  1.00 18.47 ? 1  DG  A C6    1 
ATOM   14  O O6    . DG  A 1 1 ? 2.267  6.001  9.679   1.00 19.93 ? 1  DG  A O6    1 
ATOM   15  N N1    . DG  A 1 1 ? 2.757  4.151  10.842  1.00 15.47 ? 1  DG  A N1    1 
ATOM   16  C C2    . DG  A 1 1 ? 3.602  3.245  11.385  1.00 14.71 ? 1  DG  A C2    1 
ATOM   17  N N2    . DG  A 1 1 ? 3.103  2.219  12.064  1.00 15.49 ? 1  DG  A N2    1 
ATOM   18  N N3    . DG  A 1 1 ? 4.937  3.310  11.273  1.00 14.67 ? 1  DG  A N3    1 
ATOM   19  C C4    . DG  A 1 1 ? 5.318  4.364  10.536  1.00 12.97 ? 1  DG  A C4    1 
ATOM   20  P P     . DT  A 1 2 ? 8.755  0.607  7.389   1.00 17.44 ? 2  DT  A P     1 
ATOM   21  O OP1   . DT  A 1 2 ? 9.865  -0.454 7.159   1.00 22.35 ? 2  DT  A OP1   1 
ATOM   22  O OP2   . DT  A 1 2 ? 8.445  1.369  6.241   1.00 17.69 ? 2  DT  A OP2   1 
ATOM   23  O "O5'" . DT  A 1 2 ? 7.589  -0.102 8.195   1.00 19.64 ? 2  DT  A "O5'" 1 
ATOM   24  C "C5'" . DT  A 1 2 ? 7.786  -1.018 9.280   1.00 16.99 ? 2  DT  A "C5'" 1 
ATOM   25  C "C4'" . DT  A 1 2 ? 6.412  -1.526 9.673   1.00 17.73 ? 2  DT  A "C4'" 1 
ATOM   26  O "O4'" . DT  A 1 2 ? 5.667  -0.449 10.221  1.00 19.41 ? 2  DT  A "O4'" 1 
ATOM   27  C "C3'" . DT  A 1 2 ? 5.543  -2.018 8.518   1.00 22.55 ? 2  DT  A "C3'" 1 
ATOM   28  O "O3'" . DT  A 1 2 ? 5.869  -3.343 8.074   1.00 26.03 ? 2  DT  A "O3'" 1 
ATOM   29  C "C2'" . DT  A 1 2 ? 4.147  -1.931 9.139   1.00 20.59 ? 2  DT  A "C2'" 1 
ATOM   30  C "C1'" . DT  A 1 2 ? 4.261  -0.634 9.919   1.00 17.54 ? 2  DT  A "C1'" 1 
ATOM   31  N N1    . DT  A 1 2 ? 3.770  0.498  9.122   1.00 14.12 ? 2  DT  A N1    1 
ATOM   32  C C2    . DT  A 1 2 ? 2.388  0.724  9.111   1.00 13.68 ? 2  DT  A C2    1 
ATOM   33  O O2    . DT  A 1 2 ? 1.684  -0.037 9.768   1.00 16.72 ? 2  DT  A O2    1 
ATOM   34  N N3    . DT  A 1 2 ? 1.962  1.823  8.451   1.00 13.73 ? 2  DT  A N3    1 
ATOM   35  C C4    . DT  A 1 2 ? 2.764  2.658  7.758   1.00 13.75 ? 2  DT  A C4    1 
ATOM   36  O O4    . DT  A 1 2 ? 2.287  3.650  7.143   1.00 15.98 ? 2  DT  A O4    1 
ATOM   37  C C5    . DT  A 1 2 ? 4.173  2.384  7.722   1.00 14.63 ? 2  DT  A C5    1 
ATOM   38  C C7    . DT  A 1 2 ? 5.107  3.294  6.965   1.00 17.50 ? 2  DT  A C7    1 
ATOM   39  C C6    . DT  A 1 2 ? 4.596  1.313  8.405   1.00 12.15 ? 2  DT  A C6    1 
ATOM   40  P P     . DG  A 1 3 ? 5.495  -3.728 6.575   1.00 25.47 ? 3  DG  A P     1 
ATOM   41  O OP1   . DG  A 1 3 ? 6.103  -5.094 6.479   1.00 30.97 ? 3  DG  A OP1   1 
ATOM   42  O OP2   . DG  A 1 3 ? 5.813  -2.795 5.495   1.00 22.97 ? 3  DG  A OP2   1 
ATOM   43  O "O5'" . DG  A 1 3 ? 3.846  -3.855 6.585   1.00 25.76 ? 3  DG  A "O5'" 1 
ATOM   44  C "C5'" . DG  A 1 3 ? 3.244  -4.929 7.328   1.00 22.34 ? 3  DG  A "C5'" 1 
ATOM   45  C "C4'" . DG  A 1 3 ? 1.774  -4.569 7.327   1.00 19.23 ? 3  DG  A "C4'" 1 
ATOM   46  O "O4'" . DG  A 1 3 ? 1.668  -3.237 7.793   1.00 17.55 ? 3  DG  A "O4'" 1 
ATOM   47  C "C3'" . DG  A 1 3 ? 1.059  -4.552 5.982   1.00 19.65 ? 3  DG  A "C3'" 1 
ATOM   48  O "O3'" . DG  A 1 3 ? 0.668  -5.856 5.538   1.00 19.45 ? 3  DG  A "O3'" 1 
ATOM   49  C "C2'" . DG  A 1 3 ? -0.157 -3.679 6.301   1.00 15.67 ? 3  DG  A "C2'" 1 
ATOM   50  C "C1'" . DG  A 1 3 ? 0.477  -2.650 7.231   1.00 16.66 ? 3  DG  A "C1'" 1 
ATOM   51  N N9    . DG  A 1 3 ? 0.815  -1.418 6.509   1.00 13.95 ? 3  DG  A N9    1 
ATOM   52  C C8    . DG  A 1 3 ? 2.029  -0.940 6.091   1.00 13.77 ? 3  DG  A C8    1 
ATOM   53  N N7    . DG  A 1 3 ? 1.992  0.227  5.505   1.00 13.96 ? 3  DG  A N7    1 
ATOM   54  C C5    . DG  A 1 3 ? 0.627  0.549  5.538   1.00 13.23 ? 3  DG  A C5    1 
ATOM   55  C C6    . DG  A 1 3 ? -0.075 1.730  5.145   1.00 10.00 ? 3  DG  A C6    1 
ATOM   56  O O6    . DG  A 1 3 ? 0.397  2.716  4.593   1.00 13.59 ? 3  DG  A O6    1 
ATOM   57  N N1    . DG  A 1 3 ? -1.438 1.635  5.335   1.00 11.49 ? 3  DG  A N1    1 
ATOM   58  C C2    . DG  A 1 3 ? -2.028 0.594  5.964   1.00 12.37 ? 3  DG  A C2    1 
ATOM   59  N N2    . DG  A 1 3 ? -3.365 0.634  6.139   1.00 13.43 ? 3  DG  A N2    1 
ATOM   60  N N3    . DG  A 1 3 ? -1.417 -0.501 6.423   1.00 13.43 ? 3  DG  A N3    1 
ATOM   61  C C4    . DG  A 1 3 ? -0.091 -0.435 6.158   1.00 12.97 ? 3  DG  A C4    1 
ATOM   62  P P     . DT  A 1 4 ? 0.309  -6.205 4.077   1.00 19.47 ? 4  DT  A P     1 
ATOM   63  O OP1   . DT  A 1 4 ? 0.131  -7.744 4.003   1.00 28.86 ? 4  DT  A OP1   1 
ATOM   64  O OP2   . DT  A 1 4 ? 1.191  -5.655 3.106   1.00 18.27 ? 4  DT  A OP2   1 
ATOM   65  O "O5'" . DT  A 1 4 ? -1.195 -5.598 3.806   1.00 18.66 ? 4  DT  A "O5'" 1 
ATOM   66  C "C5'" . DT  A 1 4 ? -2.301 -6.127 4.572   1.00 18.72 ? 4  DT  A "C5'" 1 
ATOM   67  C "C4'" . DT  A 1 4 ? -3.462 -5.256 4.129   1.00 18.90 ? 4  DT  A "C4'" 1 
ATOM   68  O "O4'" . DT  A 1 4 ? -3.305 -3.948 4.653   1.00 20.92 ? 4  DT  A "O4'" 1 
ATOM   69  C "C3'" . DT  A 1 4 ? -3.615 -5.033 2.636   1.00 22.03 ? 4  DT  A "C3'" 1 
ATOM   70  O "O3'" . DT  A 1 4 ? -4.217 -6.133 1.941   1.00 22.25 ? 4  DT  A "O3'" 1 
ATOM   71  C "C2'" . DT  A 1 4 ? -4.494 -3.782 2.616   1.00 17.40 ? 4  DT  A "C2'" 1 
ATOM   72  C "C1'" . DT  A 1 4 ? -3.884 -2.981 3.756   1.00 18.31 ? 4  DT  A "C1'" 1 
ATOM   73  N N1    . DT  A 1 4 ? -2.856 -2.049 3.259   1.00 18.30 ? 4  DT  A N1    1 
ATOM   74  C C2    . DT  A 1 4 ? -3.260 -0.781 2.871   1.00 18.67 ? 4  DT  A C2    1 
ATOM   75  O O2    . DT  A 1 4 ? -4.464 -0.510 2.841   1.00 20.31 ? 4  DT  A O2    1 
ATOM   76  N N3    . DT  A 1 4 ? -2.320 0.080  2.421   1.00 14.75 ? 4  DT  A N3    1 
ATOM   77  C C4    . DT  A 1 4 ? -0.988 -0.223 2.375   1.00 15.15 ? 4  DT  A C4    1 
ATOM   78  O O4    . DT  A 1 4 ? -0.191 0.643  1.949   1.00 16.17 ? 4  DT  A O4    1 
ATOM   79  C C5    . DT  A 1 4 ? -0.597 -1.537 2.772   1.00 14.10 ? 4  DT  A C5    1 
ATOM   80  C C7    . DT  A 1 4 ? 0.858  -1.942 2.729   1.00 17.01 ? 4  DT  A C7    1 
ATOM   81  C C6    . DT  A 1 4 ? -1.525 -2.387 3.213   1.00 15.68 ? 4  DT  A C6    1 
ATOM   82  P P     . DA  A 1 5 ? -4.028 -6.332 0.399   1.00 20.29 ? 5  DA  A P     1 
ATOM   83  O OP1   . DA  A 1 5 ? -4.552 -7.732 0.161   1.00 27.38 ? 5  DA  A OP1   1 
ATOM   84  O OP2   . DA  A 1 5 ? -2.527 -6.231 0.028   1.00 21.27 ? 5  DA  A OP2   1 
ATOM   85  O "O5'" . DA  A 1 5 ? -4.798 -5.228 -0.386  1.00 18.16 ? 5  DA  A "O5'" 1 
ATOM   86  C "C5'" . DA  A 1 5 ? -6.253 -5.217 -0.281  1.00 16.04 ? 5  DA  A "C5'" 1 
ATOM   87  C "C4'" . DA  A 1 5 ? -6.741 -3.898 -0.817  1.00 17.44 ? 5  DA  A "C4'" 1 
ATOM   88  O "O4'" . DA  A 1 5 ? -6.240 -2.818 -0.034  1.00 16.36 ? 5  DA  A "O4'" 1 
ATOM   89  C "C3'" . DA  A 1 5 ? -6.305 -3.568 -2.238  1.00 18.18 ? 5  DA  A "C3'" 1 
ATOM   90  O "O3'" . DA  A 1 5 ? -7.057 -4.282 -3.221  1.00 18.60 ? 5  DA  A "O3'" 1 
ATOM   91  C "C2'" . DA  A 1 5 ? -6.553 -2.055 -2.293  1.00 19.44 ? 5  DA  A "C2'" 1 
ATOM   92  C "C1'" . DA  A 1 5 ? -6.117 -1.674 -0.892  1.00 13.51 ? 5  DA  A "C1'" 1 
ATOM   93  N N9    . DA  A 1 5 ? -4.687 -1.294 -0.886  1.00 14.26 ? 5  DA  A N9    1 
ATOM   94  C C8    . DA  A 1 5 ? -3.622 -2.068 -0.524  1.00 18.06 ? 5  DA  A C8    1 
ATOM   95  N N7    . DA  A 1 5 ? -2.470 -1.425 -0.570  1.00 15.01 ? 5  DA  A N7    1 
ATOM   96  C C5    . DA  A 1 5 ? -2.834 -0.147 -0.973  1.00 14.94 ? 5  DA  A C5    1 
ATOM   97  C C6    . DA  A 1 5 ? -2.069 1.018  -1.194  1.00 14.74 ? 5  DA  A C6    1 
ATOM   98  N N6    . DA  A 1 5 ? -0.745 1.088  -1.064  1.00 17.52 ? 5  DA  A N6    1 
ATOM   99  N N1    . DA  A 1 5 ? -2.764 2.110  -1.633  1.00 17.39 ? 5  DA  A N1    1 
ATOM   100 C C2    . DA  A 1 5 ? -4.114 2.097  -1.800  1.00 21.00 ? 5  DA  A C2    1 
ATOM   101 N N3    . DA  A 1 5 ? -4.889 1.034  -1.581  1.00 18.57 ? 5  DA  A N3    1 
ATOM   102 C C4    . DA  A 1 5 ? -4.203 -0.027 -1.146  1.00 14.84 ? 5  DA  A C4    1 
ATOM   103 P P     . DC  A 1 6 ? -6.375 -4.653 -4.646  1.00 18.12 ? 6  DC  A P     1 
ATOM   104 O OP1   . DC  A 1 6 ? -7.420 -5.673 -5.246  1.00 24.55 ? 6  DC  A OP1   1 
ATOM   105 O OP2   . DC  A 1 6 ? -5.121 -5.329 -4.309  1.00 21.54 ? 6  DC  A OP2   1 
ATOM   106 O "O5'" . DC  A 1 6 ? -6.287 -3.379 -5.486  1.00 15.62 ? 6  DC  A "O5'" 1 
ATOM   107 C "C5'" . DC  A 1 6 ? -7.452 -2.626 -5.894  1.00 17.53 ? 6  DC  A "C5'" 1 
ATOM   108 C "C4'" . DC  A 1 6 ? -7.054 -1.234 -6.299  1.00 16.58 ? 6  DC  A "C4'" 1 
ATOM   109 O "O4'" . DC  A 1 6 ? -6.403 -0.589 -5.218  1.00 16.44 ? 6  DC  A "O4'" 1 
ATOM   110 C "C3'" . DC  A 1 6 ? -6.057 -1.155 -7.446  1.00 19.44 ? 6  DC  A "C3'" 1 
ATOM   111 O "O3'" . DC  A 1 6 ? -6.701 -1.391 -8.698  1.00 17.55 ? 6  DC  A "O3'" 1 
ATOM   112 C "C2'" . DC  A 1 6 ? -5.515 0.261  -7.259  1.00 15.36 ? 6  DC  A "C2'" 1 
ATOM   113 C "C1'" . DC  A 1 6 ? -5.431 0.329  -5.749  1.00 15.13 ? 6  DC  A "C1'" 1 
ATOM   114 N N1    . DC  A 1 6 ? -4.094 -0.049 -5.215  1.00 14.15 ? 6  DC  A N1    1 
ATOM   115 C C2    . DC  A 1 6 ? -3.198 1.010  -5.121  1.00 13.78 ? 6  DC  A C2    1 
ATOM   116 O O2    . DC  A 1 6 ? -3.493 2.118  -5.548  1.00 15.92 ? 6  DC  A O2    1 
ATOM   117 N N3    . DC  A 1 6 ? -1.942 0.731  -4.656  1.00 14.88 ? 6  DC  A N3    1 
ATOM   118 C C4    . DC  A 1 6 ? -1.601 -0.504 -4.217  1.00 13.43 ? 6  DC  A C4    1 
ATOM   119 N N4    . DC  A 1 6 ? -0.365 -0.725 -3.752  1.00 14.62 ? 6  DC  A N4    1 
ATOM   120 C C5    . DC  A 1 6 ? -2.544 -1.586 -4.294  1.00 14.25 ? 6  DC  A C5    1 
ATOM   121 C C6    . DC  A 1 6 ? -3.770 -1.287 -4.771  1.00 14.46 ? 6  DC  A C6    1 
ATOM   122 P P     . DA  A 1 7 ? -5.909 -1.768 -10.009 1.00 18.48 ? 7  DA  A P     1 
ATOM   123 O OP1   . DA  A 1 7 ? -7.007 -2.284 -10.919 1.00 22.28 ? 7  DA  A OP1   1 
ATOM   124 O OP2   . DA  A 1 7 ? -4.850 -2.806 -9.696  1.00 19.16 ? 7  DA  A OP2   1 
ATOM   125 O "O5'" . DA  A 1 7 ? -5.293 -0.423 -10.528 1.00 17.72 ? 7  DA  A "O5'" 1 
ATOM   126 C "C5'" . DA  A 1 7 ? -6.084 0.759  -10.774 1.00 15.65 ? 7  DA  A "C5'" 1 
ATOM   127 C "C4'" . DA  A 1 7 ? -5.106 1.832  -11.197 1.00 19.79 ? 7  DA  A "C4'" 1 
ATOM   128 O "O4'" . DA  A 1 7 ? -4.171 2.039  -10.154 1.00 17.80 ? 7  DA  A "O4'" 1 
ATOM   129 C "C3'" . DA  A 1 7 ? -4.292 1.525  -12.450 1.00 21.42 ? 7  DA  A "C3'" 1 
ATOM   130 O "O3'" . DA  A 1 7 ? -4.199 2.680  -13.280 1.00 25.80 ? 7  DA  A "O3'" 1 
ATOM   131 C "C2'" . DA  A 1 7 ? -2.938 1.059  -11.915 1.00 21.11 ? 7  DA  A "C2'" 1 
ATOM   132 C "C1'" . DA  A 1 7 ? -2.825 1.887  -10.647 1.00 18.83 ? 7  DA  A "C1'" 1 
ATOM   133 N N9    . DA  A 1 7 ? -2.018 1.176  -9.650  1.00 15.02 ? 7  DA  A N9    1 
ATOM   134 C C8    . DA  A 1 7 ? -2.243 -0.079 -9.144  1.00 15.05 ? 7  DA  A C8    1 
ATOM   135 N N7    . DA  A 1 7 ? -1.360 -0.485 -8.269  1.00 15.20 ? 7  DA  A N7    1 
ATOM   136 C C5    . DA  A 1 7 ? -0.500 0.616  -8.178  1.00 13.84 ? 7  DA  A C5    1 
ATOM   137 C C6    . DA  A 1 7 ? 0.693  0.796  -7.429  1.00 13.01 ? 7  DA  A C6    1 
ATOM   138 N N6    . DA  A 1 7 ? 1.179  -0.096 -6.579  1.00 14.61 ? 7  DA  A N6    1 
ATOM   139 N N1    . DA  A 1 7 ? 1.271  2.015  -7.598  1.00 13.55 ? 7  DA  A N1    1 
ATOM   140 C C2    . DA  A 1 7 ? 0.805  2.949  -8.449  1.00 13.50 ? 7  DA  A C2    1 
ATOM   141 N N3    . DA  A 1 7 ? -0.303 2.840  -9.192  1.00 13.66 ? 7  DA  A N3    1 
ATOM   142 C C4    . DA  A 1 7 ? -0.884 1.633  -9.007  1.00 12.31 ? 7  DA  A C4    1 
ATOM   143 P P     . DC  A 1 8 ? -3.586 2.627  -14.748 1.00 33.09 ? 8  DC  A P     1 
ATOM   144 O OP1   . DC  A 1 8 ? -4.062 3.744  -15.567 1.00 37.22 ? 8  DC  A OP1   1 
ATOM   145 O OP2   . DC  A 1 8 ? -3.863 1.259  -15.251 1.00 34.38 ? 8  DC  A OP2   1 
ATOM   146 O "O5'" . DC  A 1 8 ? -1.965 2.772  -14.421 1.00 26.34 ? 8  DC  A "O5'" 1 
ATOM   147 C "C5'" . DC  A 1 8 ? -1.582 4.149  -14.129 1.00 25.34 ? 8  DC  A "C5'" 1 
ATOM   148 C "C4'" . DC  A 1 8 ? -0.119 4.074  -13.747 1.00 23.40 ? 8  DC  A "C4'" 1 
ATOM   149 O "O4'" . DC  A 1 8 ? -0.020 3.265  -12.604 1.00 20.77 ? 8  DC  A "O4'" 1 
ATOM   150 C "C3'" . DC  A 1 8 ? 0.805  3.433  -14.781 1.00 25.94 ? 8  DC  A "C3'" 1 
ATOM   151 O "O3'" . DC  A 1 8 ? 1.362  4.384  -15.686 1.00 35.15 ? 8  DC  A "O3'" 1 
ATOM   152 C "C2'" . DC  A 1 8 ? 1.898  2.774  -13.942 1.00 21.42 ? 8  DC  A "C2'" 1 
ATOM   153 C "C1'" . DC  A 1 8 ? 1.375  2.874  -12.534 1.00 19.90 ? 8  DC  A "C1'" 1 
ATOM   154 N N1    . DC  A 1 8 ? 1.452  1.588  -11.816 1.00 15.73 ? 8  DC  A N1    1 
ATOM   155 C C2    . DC  A 1 8 ? 2.527  1.430  -10.950 1.00 16.43 ? 8  DC  A C2    1 
ATOM   156 O O2    . DC  A 1 8 ? 3.356  2.336  -10.848 1.00 19.83 ? 8  DC  A O2    1 
ATOM   157 N N3    . DC  A 1 8 ? 2.629  0.268  -10.243 1.00 14.67 ? 8  DC  A N3    1 
ATOM   158 C C4    . DC  A 1 8 ? 1.738  -0.746 -10.402 1.00 14.41 ? 8  DC  A C4    1 
ATOM   159 N N4    . DC  A 1 8 ? 1.836  -1.876 -9.688  1.00 17.44 ? 8  DC  A N4    1 
ATOM   160 C C5    . DC  A 1 8 ? 0.641  -0.578 -11.301 1.00 16.26 ? 8  DC  A C5    1 
ATOM   161 C C6    . DC  A 1 8 ? 0.575  0.570  -12.001 1.00 14.41 ? 8  DC  A C6    1 
HETATM 162 O O     . HOH B 2 . ? -2.478 7.649  7.822   1.00 31.85 ? 9  HOH A O     1 
HETATM 163 O O     . HOH B 2 . ? -2.676 -2.736 -11.423 1.00 38.30 ? 10 HOH A O     1 
HETATM 164 O O     . HOH B 2 . ? 8.393  3.696  5.341   1.00 36.90 ? 11 HOH A O     1 
HETATM 165 O O     . HOH B 2 . ? 4.393  -2.206 3.222   0.50 24.44 ? 12 HOH A O     1 
HETATM 166 O O     . HOH B 2 . ? 6.285  -0.110 4.929   1.00 26.66 ? 13 HOH A O     1 
HETATM 167 O O     . HOH B 2 . ? -0.201 -5.176 0.761   1.00 31.94 ? 14 HOH A O     1 
HETATM 168 O O     . HOH B 2 . ? 3.949  0.981  4.146   1.00 26.54 ? 15 HOH A O     1 
HETATM 169 O O     . HOH B 2 . ? -3.259 -2.095 7.784   1.00 28.01 ? 16 HOH A O     1 
HETATM 170 O O     . HOH B 2 . ? -6.269 -8.520 -1.970  0.50 26.95 ? 17 HOH A O     1 
HETATM 171 O O     . HOH B 2 . ? -4.970 -5.109 -8.729  0.50 27.06 ? 18 HOH A O     1 
HETATM 172 O O     . HOH B 2 . ? -8.942 -7.839 -4.973  1.00 41.38 ? 19 HOH A O     1 
HETATM 173 O O     . HOH B 2 . ? -3.859 -4.638 7.939   0.50 27.96 ? 20 HOH A O     1 
HETATM 174 O O     . HOH B 2 . ? -0.649 5.435  -10.233 1.00 28.29 ? 21 HOH A O     1 
HETATM 175 O O     . HOH B 2 . ? -0.375 8.272  4.205   1.00 35.40 ? 22 HOH A O     1 
HETATM 176 O O     . HOH B 2 . ? 2.211  0.991  -1.297  1.00 37.23 ? 23 HOH A O     1 
HETATM 177 O O     . HOH B 2 . ? 2.607  3.718  0.010   1.00 35.15 ? 24 HOH A O     1 
HETATM 178 O O     . HOH B 2 . ? -2.999 -4.675 -6.374  1.00 31.43 ? 25 HOH A O     1 
HETATM 179 O O     . HOH B 2 . ? -6.702 -0.095 1.162   1.00 31.36 ? 26 HOH A O     1 
HETATM 180 O O     . HOH B 2 . ? -0.188 -2.687 -0.826  1.00 28.71 ? 27 HOH A O     1 
HETATM 181 O O     . HOH B 2 . ? 2.112  5.634  2.464   1.00 34.47 ? 28 HOH A O     1 
HETATM 182 O O     . HOH B 2 . ? -0.120 7.758  6.836   1.00 43.06 ? 29 HOH A O     1 
HETATM 183 O O     . HOH B 2 . ? -7.479 1.697  -2.979  1.00 37.83 ? 30 HOH A O     1 
HETATM 184 O O     . HOH B 2 . ? 3.749  5.583  -15.553 1.00 28.26 ? 31 HOH A O     1 
HETATM 185 O O     . HOH B 2 . ? 10.832 -2.689 7.948   0.75 32.62 ? 32 HOH A O     1 
HETATM 186 O O     . HOH B 2 . ? 8.939  -4.663 6.210   0.50 30.87 ? 33 HOH A O     1 
HETATM 187 O O     . HOH B 2 . ? 9.209  -0.761 8.422   1.00 31.14 ? 34 HOH A O     1 
HETATM 188 O O     . HOH B 2 . ? -2.269 8.566  10.487  1.00 36.57 ? 35 HOH A O     1 
HETATM 189 O O     . HOH B 2 . ? -2.503 9.804  3.159   1.00 31.26 ? 36 HOH A O     1 
HETATM 190 O O     . HOH B 2 . ? 2.481  6.250  6.153   1.00 44.10 ? 37 HOH A O     1 
HETATM 191 O O     . HOH B 2 . ? 3.731  2.040  2.130   0.50 16.67 ? 38 HOH A O     1 
HETATM 192 O O     . HOH B 2 . ? 4.705  0.252  13.448  1.00 50.67 ? 39 HOH A O     1 
HETATM 193 O O     . HOH B 2 . ? 2.700  4.336  4.614   1.00 46.51 ? 40 HOH A O     1 
HETATM 194 O O     . HOH B 2 . ? 10.534 -0.042 4.619   0.75 45.23 ? 41 HOH A O     1 
HETATM 195 O O     . HOH B 2 . ? -7.311 -5.141 -11.436 0.50 38.44 ? 42 HOH A O     1 
HETATM 196 O O     . HOH B 2 . ? 5.250  3.756  3.005   0.50 29.43 ? 43 HOH A O     1 
HETATM 197 O O     . HOH B 2 . ? -6.457 2.787  -16.853 0.50 34.80 ? 44 HOH A O     1 
HETATM 198 O O     . HOH B 2 . ? 3.192  8.109  -15.115 0.50 51.01 ? 45 HOH A O     1 
# 
loop_
_pdbx_poly_seq_scheme.asym_id 
_pdbx_poly_seq_scheme.entity_id 
_pdbx_poly_seq_scheme.seq_id 
_pdbx_poly_seq_scheme.mon_id 
_pdbx_poly_seq_scheme.ndb_seq_num 
_pdbx_poly_seq_scheme.pdb_seq_num 
_pdbx_poly_seq_scheme.auth_seq_num 
_pdbx_poly_seq_scheme.pdb_mon_id 
_pdbx_poly_seq_scheme.auth_mon_id 
_pdbx_poly_seq_scheme.pdb_strand_id 
_pdbx_poly_seq_scheme.pdb_ins_code 
_pdbx_poly_seq_scheme.hetero 
A 1 1 DG 1 1 1 DG G A . n 
A 1 2 DT 2 2 2 DT T A . n 
A 1 3 DG 3 3 3 DG G A . n 
A 1 4 DT 4 4 4 DT T A . n 
A 1 5 DA 5 5 5 DA A A . n 
A 1 6 DC 6 6 6 DC C A . n 
A 1 7 DA 7 7 7 DA A A . n 
A 1 8 DC 8 8 8 DC C A . n 
# 
loop_
_pdbx_nonpoly_scheme.asym_id 
_pdbx_nonpoly_scheme.entity_id 
_pdbx_nonpoly_scheme.mon_id 
_pdbx_nonpoly_scheme.ndb_seq_num 
_pdbx_nonpoly_scheme.pdb_seq_num 
_pdbx_nonpoly_scheme.auth_seq_num 
_pdbx_nonpoly_scheme.pdb_mon_id 
_pdbx_nonpoly_scheme.auth_mon_id 
_pdbx_nonpoly_scheme.pdb_strand_id 
_pdbx_nonpoly_scheme.pdb_ins_code 
B 2 HOH 1  9  9  HOH HOH A . 
B 2 HOH 2  10 10 HOH HOH A . 
B 2 HOH 3  11 11 HOH HOH A . 
B 2 HOH 4  12 12 HOH HOH A . 
B 2 HOH 5  13 13 HOH HOH A . 
B 2 HOH 6  14 14 HOH HOH A . 
B 2 HOH 7  15 15 HOH HOH A . 
B 2 HOH 8  16 16 HOH HOH A . 
B 2 HOH 9  17 17 HOH HOH A . 
B 2 HOH 10 18 18 HOH HOH A . 
B 2 HOH 11 19 19 HOH HOH A . 
B 2 HOH 12 20 20 HOH HOH A . 
B 2 HOH 13 21 21 HOH HOH A . 
B 2 HOH 14 22 22 HOH HOH A . 
B 2 HOH 15 23 23 HOH HOH A . 
B 2 HOH 16 24 24 HOH HOH A . 
B 2 HOH 17 25 25 HOH HOH A . 
B 2 HOH 18 26 26 HOH HOH A . 
B 2 HOH 19 27 27 HOH HOH A . 
B 2 HOH 20 28 28 HOH HOH A . 
B 2 HOH 21 29 29 HOH HOH A . 
B 2 HOH 22 30 30 HOH HOH A . 
B 2 HOH 23 31 31 HOH HOH A . 
B 2 HOH 24 32 32 HOH HOH A . 
B 2 HOH 25 33 33 HOH HOH A . 
B 2 HOH 26 34 34 HOH HOH A . 
B 2 HOH 27 35 35 HOH HOH A . 
B 2 HOH 28 36 36 HOH HOH A . 
B 2 HOH 29 37 37 HOH HOH A . 
B 2 HOH 30 38 38 HOH HOH A . 
B 2 HOH 31 39 39 HOH HOH A . 
B 2 HOH 32 40 40 HOH HOH A . 
B 2 HOH 33 41 41 HOH HOH A . 
B 2 HOH 34 42 42 HOH HOH A . 
B 2 HOH 35 43 43 HOH HOH A . 
B 2 HOH 36 44 44 HOH HOH A . 
B 2 HOH 37 45 45 HOH HOH A . 
# 
_pdbx_struct_assembly.id                   1 
_pdbx_struct_assembly.details              author_defined_assembly 
_pdbx_struct_assembly.method_details       ? 
_pdbx_struct_assembly.oligomeric_details   dimeric 
_pdbx_struct_assembly.oligomeric_count     2 
# 
_pdbx_struct_assembly_gen.assembly_id       1 
_pdbx_struct_assembly_gen.oper_expression   1,2 
_pdbx_struct_assembly_gen.asym_id_list      A,B 
# 
loop_
_pdbx_struct_oper_list.id 
_pdbx_struct_oper_list.type 
_pdbx_struct_oper_list.name 
_pdbx_struct_oper_list.symmetry_operation 
_pdbx_struct_oper_list.matrix[1][1] 
_pdbx_struct_oper_list.matrix[1][2] 
_pdbx_struct_oper_list.matrix[1][3] 
_pdbx_struct_oper_list.vector[1] 
_pdbx_struct_oper_list.matrix[2][1] 
_pdbx_struct_oper_list.matrix[2][2] 
_pdbx_struct_oper_list.matrix[2][3] 
_pdbx_struct_oper_list.vector[2] 
_pdbx_struct_oper_list.matrix[3][1] 
_pdbx_struct_oper_list.matrix[3][2] 
_pdbx_struct_oper_list.matrix[3][3] 
_pdbx_struct_oper_list.vector[3] 
1 'identity operation'         1_555  x,y,z        1.0000000000 0.0000000000  0.0000000000 0.0000000000 0.0000000000  1.0000000000  0.0000000000  0.0000000000 0.0000000000 0.0000000000  1.0000000000  0.0000000000 
2 'crystal symmetry operation' 12_555 x,x-y,-z+1/6 0.9577586935 -0.1184534790 0.2620440008 0.1457799577 -0.1184534790 -0.9928330153 -0.0158548771 4.4243265151 0.2620440008 -0.0158548771 -0.9649256782 0.9108198893 
# 
loop_
_pdbx_audit_revision_history.ordinal 
_pdbx_audit_revision_history.data_content_type 
_pdbx_audit_revision_history.major_revision 
_pdbx_audit_revision_history.minor_revision 
_pdbx_audit_revision_history.revision_date 
1 'Structure model' 1 0 1993-04-15 
2 'Structure model' 1 1 2008-05-22 
3 'Structure model' 1 2 2011-07-13 
4 'Structure model' 1 3 2023-03-22 
# 
_pdbx_audit_revision_details.ordinal             1 
_pdbx_audit_revision_details.revision_ordinal    1 
_pdbx_audit_revision_details.data_content_type   'Structure model' 
_pdbx_audit_revision_details.provider            repository 
_pdbx_audit_revision_details.type                'Initial release' 
_pdbx_audit_revision_details.description         ? 
_pdbx_audit_revision_details.details             ? 
# 
loop_
_pdbx_audit_revision_group.ordinal 
_pdbx_audit_revision_group.revision_ordinal 
_pdbx_audit_revision_group.data_content_type 
_pdbx_audit_revision_group.group 
1 2 'Structure model' 'Version format compliance' 
2 3 'Structure model' 'Version format compliance' 
3 4 'Structure model' 'Database references'       
4 4 'Structure model' 'Structure summary'         
# 
loop_
_pdbx_audit_revision_category.ordinal 
_pdbx_audit_revision_category.revision_ordinal 
_pdbx_audit_revision_category.data_content_type 
_pdbx_audit_revision_category.category 
1 4 'Structure model' audit_author    
2 4 'Structure model' citation_author 
3 4 'Structure model' database_2      
# 
loop_
_pdbx_audit_revision_item.ordinal 
_pdbx_audit_revision_item.revision_ordinal 
_pdbx_audit_revision_item.data_content_type 
_pdbx_audit_revision_item.item 
1 4 'Structure model' '_audit_author.name'                  
2 4 'Structure model' '_citation_author.name'               
3 4 'Structure model' '_database_2.pdbx_DOI'                
4 4 'Structure model' '_database_2.pdbx_database_accession' 
# 
loop_
_refine_B_iso.class 
_refine_B_iso.details 
_refine_B_iso.treatment 
_refine_B_iso.pdbx_refine_id 
'ALL ATOMS'  TR isotropic 'X-RAY DIFFRACTION' 
'ALL WATERS' TR isotropic 'X-RAY DIFFRACTION' 
# 
loop_
_refine_occupancy.class 
_refine_occupancy.treatment 
_refine_occupancy.pdbx_refine_id 
'ALL ATOMS'  fix 'X-RAY DIFFRACTION' 
'ALL WATERS' fix 'X-RAY DIFFRACTION' 
# 
_software.name             NUCLSQ 
_software.classification   refinement 
_software.version          . 
_software.citation_id      ? 
_software.pdbx_ordinal     1 
_software.date             ? 
_software.type             ? 
_software.location         ? 
_software.language         ? 
# 
loop_
_pdbx_validate_close_contact.id 
_pdbx_validate_close_contact.PDB_model_num 
_pdbx_validate_close_contact.auth_atom_id_1 
_pdbx_validate_close_contact.auth_asym_id_1 
_pdbx_validate_close_contact.auth_comp_id_1 
_pdbx_validate_close_contact.auth_seq_id_1 
_pdbx_validate_close_contact.PDB_ins_code_1 
_pdbx_validate_close_contact.label_alt_id_1 
_pdbx_validate_close_contact.auth_atom_id_2 
_pdbx_validate_close_contact.auth_asym_id_2 
_pdbx_validate_close_contact.auth_comp_id_2 
_pdbx_validate_close_contact.auth_seq_id_2 
_pdbx_validate_close_contact.PDB_ins_code_2 
_pdbx_validate_close_contact.label_alt_id_2 
_pdbx_validate_close_contact.dist 
1 1 OP1   A DT 2 ? ? O A HOH 34 ? ? 1.46 
2 1 "C5'" A DT 2 ? ? O A HOH 34 ? ? 1.68 
3 1 "O5'" A DT 2 ? ? O A HOH 34 ? ? 1.76 
4 1 P     A DT 2 ? ? O A HOH 34 ? ? 1.77 
# 
loop_
_pdbx_validate_rmsd_bond.id 
_pdbx_validate_rmsd_bond.PDB_model_num 
_pdbx_validate_rmsd_bond.auth_atom_id_1 
_pdbx_validate_rmsd_bond.auth_asym_id_1 
_pdbx_validate_rmsd_bond.auth_comp_id_1 
_pdbx_validate_rmsd_bond.auth_seq_id_1 
_pdbx_validate_rmsd_bond.PDB_ins_code_1 
_pdbx_validate_rmsd_bond.label_alt_id_1 
_pdbx_validate_rmsd_bond.auth_atom_id_2 
_pdbx_validate_rmsd_bond.auth_asym_id_2 
_pdbx_validate_rmsd_bond.auth_comp_id_2 
_pdbx_validate_rmsd_bond.auth_seq_id_2 
_pdbx_validate_rmsd_bond.PDB_ins_code_2 
_pdbx_validate_rmsd_bond.label_alt_id_2 
_pdbx_validate_rmsd_bond.bond_value 
_pdbx_validate_rmsd_bond.bond_target_value 
_pdbx_validate_rmsd_bond.bond_deviation 
_pdbx_validate_rmsd_bond.bond_standard_deviation 
_pdbx_validate_rmsd_bond.linker_flag 
1 1 P A DG 3 ? ? "O5'" A DG 3 ? ? 1.654 1.593 0.061  0.010 N 
2 1 P A DC 6 ? ? "O5'" A DC 6 ? ? 1.529 1.593 -0.064 0.010 N 
3 1 P A DC 8 ? ? "O5'" A DC 8 ? ? 1.660 1.593 0.067  0.010 N 
# 
loop_
_pdbx_validate_rmsd_angle.id 
_pdbx_validate_rmsd_angle.PDB_model_num 
_pdbx_validate_rmsd_angle.auth_atom_id_1 
_pdbx_validate_rmsd_angle.auth_asym_id_1 
_pdbx_validate_rmsd_angle.auth_comp_id_1 
_pdbx_validate_rmsd_angle.auth_seq_id_1 
_pdbx_validate_rmsd_angle.PDB_ins_code_1 
_pdbx_validate_rmsd_angle.label_alt_id_1 
_pdbx_validate_rmsd_angle.auth_atom_id_2 
_pdbx_validate_rmsd_angle.auth_asym_id_2 
_pdbx_validate_rmsd_angle.auth_comp_id_2 
_pdbx_validate_rmsd_angle.auth_seq_id_2 
_pdbx_validate_rmsd_angle.PDB_ins_code_2 
_pdbx_validate_rmsd_angle.label_alt_id_2 
_pdbx_validate_rmsd_angle.auth_atom_id_3 
_pdbx_validate_rmsd_angle.auth_asym_id_3 
_pdbx_validate_rmsd_angle.auth_comp_id_3 
_pdbx_validate_rmsd_angle.auth_seq_id_3 
_pdbx_validate_rmsd_angle.PDB_ins_code_3 
_pdbx_validate_rmsd_angle.label_alt_id_3 
_pdbx_validate_rmsd_angle.angle_value 
_pdbx_validate_rmsd_angle.angle_target_value 
_pdbx_validate_rmsd_angle.angle_deviation 
_pdbx_validate_rmsd_angle.angle_standard_deviation 
_pdbx_validate_rmsd_angle.linker_flag 
1  1 "O5'" A DT 2 ? ? P     A DT 2 ? ? OP2   A DT 2 ? ? 119.54 110.70 8.84  1.20 N 
2  1 N1    A DT 2 ? ? C2    A DT 2 ? ? O2    A DT 2 ? ? 117.46 123.10 -5.64 0.80 N 
3  1 C5    A DT 2 ? ? C4    A DT 2 ? ? O4    A DT 2 ? ? 120.57 124.90 -4.33 0.70 N 
4  1 "O3'" A DT 2 ? ? P     A DG 3 ? ? OP2   A DG 3 ? ? 119.32 110.50 8.82  1.10 Y 
5  1 "O5'" A DG 3 ? ? "C5'" A DG 3 ? ? "C4'" A DG 3 ? ? 103.19 109.40 -6.21 0.80 N 
6  1 N3    A DG 3 ? ? C2    A DG 3 ? ? N2    A DG 3 ? ? 115.65 119.90 -4.25 0.70 N 
7  1 "O5'" A DT 4 ? ? "C5'" A DT 4 ? ? "C4'" A DT 4 ? ? 102.75 109.40 -6.65 0.80 N 
8  1 "O4'" A DT 4 ? ? "C1'" A DT 4 ? ? N1    A DT 4 ? ? 110.75 108.30 2.45  0.30 N 
9  1 N1    A DT 4 ? ? C2    A DT 4 ? ? N3    A DT 4 ? ? 118.21 114.60 3.61  0.60 N 
10 1 C2    A DT 4 ? ? N3    A DT 4 ? ? C4    A DT 4 ? ? 123.20 127.20 -4.00 0.60 N 
11 1 C6    A DA 5 ? ? N1    A DA 5 ? ? C2    A DA 5 ? ? 122.44 118.60 3.84  0.60 N 
12 1 N1    A DA 5 ? ? C2    A DA 5 ? ? N3    A DA 5 ? ? 124.35 129.30 -4.95 0.50 N 
13 1 C6    A DA 7 ? ? N1    A DA 7 ? ? C2    A DA 7 ? ? 123.58 118.60 4.98  0.60 N 
14 1 N1    A DA 7 ? ? C2    A DA 7 ? ? N3    A DA 7 ? ? 125.51 129.30 -3.79 0.50 N 
15 1 C5    A DA 7 ? ? C6    A DA 7 ? ? N1    A DA 7 ? ? 113.93 117.70 -3.77 0.50 N 
16 1 N3    A DC 8 ? ? C4    A DC 8 ? ? C5    A DC 8 ? ? 119.31 121.90 -2.59 0.40 N 
# 
loop_
_ndb_struct_conf_na.entry_id 
_ndb_struct_conf_na.feature 
1D78 'double helix'        
1D78 'a-form double helix' 
# 
loop_
_ndb_struct_na_base_pair.model_number 
_ndb_struct_na_base_pair.i_label_asym_id 
_ndb_struct_na_base_pair.i_label_comp_id 
_ndb_struct_na_base_pair.i_label_seq_id 
_ndb_struct_na_base_pair.i_symmetry 
_ndb_struct_na_base_pair.j_label_asym_id 
_ndb_struct_na_base_pair.j_label_comp_id 
_ndb_struct_na_base_pair.j_label_seq_id 
_ndb_struct_na_base_pair.j_symmetry 
_ndb_struct_na_base_pair.shear 
_ndb_struct_na_base_pair.stretch 
_ndb_struct_na_base_pair.stagger 
_ndb_struct_na_base_pair.buckle 
_ndb_struct_na_base_pair.propeller 
_ndb_struct_na_base_pair.opening 
_ndb_struct_na_base_pair.pair_number 
_ndb_struct_na_base_pair.pair_name 
_ndb_struct_na_base_pair.i_auth_asym_id 
_ndb_struct_na_base_pair.i_auth_seq_id 
_ndb_struct_na_base_pair.i_PDB_ins_code 
_ndb_struct_na_base_pair.j_auth_asym_id 
_ndb_struct_na_base_pair.j_auth_seq_id 
_ndb_struct_na_base_pair.j_PDB_ins_code 
_ndb_struct_na_base_pair.hbond_type_28 
_ndb_struct_na_base_pair.hbond_type_12 
1 A DG 1 1_555 A DC 8 12_555 -0.256 -0.154 -0.202 -14.499 -18.103 -0.598 1 A_DG1:DC8_A A 1 ? A 8 ? 19 1 
1 A DT 2 1_555 A DA 7 12_555 -0.068 -0.105 -0.005 -18.817 -8.337  -2.455 2 A_DT2:DA7_A A 2 ? A 7 ? 20 1 
1 A DG 3 1_555 A DC 6 12_555 -0.145 -0.124 0.099  -8.749  -12.039 0.367  3 A_DG3:DC6_A A 3 ? A 6 ? 19 1 
1 A DT 4 1_555 A DA 5 12_555 -0.042 -0.146 0.232  -1.210  -13.329 -1.731 4 A_DT4:DA5_A A 4 ? A 5 ? 20 1 
1 A DA 5 1_555 A DT 4 12_555 0.042  -0.146 0.232  1.210   -13.329 -1.731 5 A_DA5:DT4_A A 5 ? A 4 ? 20 1 
1 A DC 6 1_555 A DG 3 12_555 0.145  -0.124 0.099  8.749   -12.039 0.367  6 A_DC6:DG3_A A 6 ? A 3 ? 19 1 
1 A DA 7 1_555 A DT 2 12_555 0.068  -0.105 -0.005 18.817  -8.337  -2.455 7 A_DA7:DT2_A A 7 ? A 2 ? 20 1 
1 A DC 8 1_555 A DG 1 12_555 0.256  -0.154 -0.202 14.499  -18.103 -0.598 8 A_DC8:DG1_A A 8 ? A 1 ? 19 1 
# 
loop_
_ndb_struct_na_base_pair_step.model_number 
_ndb_struct_na_base_pair_step.i_label_asym_id_1 
_ndb_struct_na_base_pair_step.i_label_comp_id_1 
_ndb_struct_na_base_pair_step.i_label_seq_id_1 
_ndb_struct_na_base_pair_step.i_symmetry_1 
_ndb_struct_na_base_pair_step.j_label_asym_id_1 
_ndb_struct_na_base_pair_step.j_label_comp_id_1 
_ndb_struct_na_base_pair_step.j_label_seq_id_1 
_ndb_struct_na_base_pair_step.j_symmetry_1 
_ndb_struct_na_base_pair_step.i_label_asym_id_2 
_ndb_struct_na_base_pair_step.i_label_comp_id_2 
_ndb_struct_na_base_pair_step.i_label_seq_id_2 
_ndb_struct_na_base_pair_step.i_symmetry_2 
_ndb_struct_na_base_pair_step.j_label_asym_id_2 
_ndb_struct_na_base_pair_step.j_label_comp_id_2 
_ndb_struct_na_base_pair_step.j_label_seq_id_2 
_ndb_struct_na_base_pair_step.j_symmetry_2 
_ndb_struct_na_base_pair_step.shift 
_ndb_struct_na_base_pair_step.slide 
_ndb_struct_na_base_pair_step.rise 
_ndb_struct_na_base_pair_step.tilt 
_ndb_struct_na_base_pair_step.roll 
_ndb_struct_na_base_pair_step.twist 
_ndb_struct_na_base_pair_step.x_displacement 
_ndb_struct_na_base_pair_step.y_displacement 
_ndb_struct_na_base_pair_step.helical_rise 
_ndb_struct_na_base_pair_step.inclination 
_ndb_struct_na_base_pair_step.tip 
_ndb_struct_na_base_pair_step.helical_twist 
_ndb_struct_na_base_pair_step.step_number 
_ndb_struct_na_base_pair_step.step_name 
_ndb_struct_na_base_pair_step.i_auth_asym_id_1 
_ndb_struct_na_base_pair_step.i_auth_seq_id_1 
_ndb_struct_na_base_pair_step.i_PDB_ins_code_1 
_ndb_struct_na_base_pair_step.j_auth_asym_id_1 
_ndb_struct_na_base_pair_step.j_auth_seq_id_1 
_ndb_struct_na_base_pair_step.j_PDB_ins_code_1 
_ndb_struct_na_base_pair_step.i_auth_asym_id_2 
_ndb_struct_na_base_pair_step.i_auth_seq_id_2 
_ndb_struct_na_base_pair_step.i_PDB_ins_code_2 
_ndb_struct_na_base_pair_step.j_auth_asym_id_2 
_ndb_struct_na_base_pair_step.j_auth_seq_id_2 
_ndb_struct_na_base_pair_step.j_PDB_ins_code_2 
1 A DG 1 1_555 A DC 8 12_555 A DT 2 1_555 A DA 7 12_555 -0.587 -1.362 3.396 1.491  -0.341 35.958 -2.153 1.169  3.382 -0.553 -2.413 
35.989 1 AA_DG1DT2:DA7DC8_AA A 1 ? A 8 ? A 2 ? A 7 ? 
1 A DT 2 1_555 A DA 7 12_555 A DG 3 1_555 A DC 6 12_555 0.665  -0.972 3.138 -2.069 11.841 28.879 -3.824 -1.589 2.503 22.548 3.940  
31.232 2 AA_DT2DG3:DC6DA7_AA A 2 ? A 7 ? A 3 ? A 6 ? 
1 A DG 3 1_555 A DC 6 12_555 A DT 4 1_555 A DA 5 12_555 -0.530 -1.185 3.154 -1.803 5.781  32.333 -3.021 0.648  2.929 10.268 3.203  
32.880 3 AA_DG3DT4:DA5DC6_AA A 3 ? A 6 ? A 4 ? A 5 ? 
1 A DT 4 1_555 A DA 5 12_555 A DA 5 1_555 A DT 4 12_555 0.000  -1.118 3.100 0.000  13.697 32.000 -3.723 0.000  2.433 23.543 0.000  
34.737 4 AA_DT4DA5:DT4DA5_AA A 4 ? A 5 ? A 5 ? A 4 ? 
1 A DA 5 1_555 A DT 4 12_555 A DC 6 1_555 A DG 3 12_555 0.530  -1.185 3.154 1.803  5.781  32.333 -3.021 -0.648 2.929 10.268 -3.203 
32.880 5 AA_DA5DC6:DG3DT4_AA A 5 ? A 4 ? A 6 ? A 3 ? 
1 A DC 6 1_555 A DG 3 12_555 A DA 7 1_555 A DT 2 12_555 -0.666 -0.972 3.138 2.069  11.841 28.879 -3.824 1.589  2.503 22.548 -3.940 
31.232 6 AA_DC6DA7:DT2DG3_AA A 6 ? A 3 ? A 7 ? A 2 ? 
1 A DA 7 1_555 A DT 2 12_555 A DC 8 1_555 A DG 1 12_555 0.587  -1.362 3.396 -1.491 -0.341 35.958 -2.153 -1.169 3.382 -0.553 2.413  
35.989 7 AA_DA7DC8:DG1DT2_AA A 7 ? A 2 ? A 8 ? A 1 ? 
# 
_pdbx_entity_nonpoly.entity_id   2 
_pdbx_entity_nonpoly.name        water 
_pdbx_entity_nonpoly.comp_id     HOH 
# 
